data_4OIT
#
_entry.id   4OIT
#
_cell.length_a   47.030
_cell.length_b   80.080
_cell.length_c   56.910
_cell.angle_alpha   90.00
_cell.angle_beta   105.98
_cell.angle_gamma   90.00
#
_symmetry.space_group_name_H-M   'P 1 21 1'
#
loop_
_entity.id
_entity.type
_entity.pdbx_description
1 polymer 'LysM domain protein'
2 non-polymer alpha-D-mannopyranose
3 non-polymer beta-D-mannopyranose
4 water water
#
_entity_poly.entity_id   1
_entity_poly.type   'polypeptide(L)'
_entity_poly.pdbx_seq_one_letter_code
;MGDTLTAGQKLERGGSLQSGNGAYTLTLQDDGNLVLYARDKAVWSTGTNGQDVVRAEVQTDGNFVLYTAEKPVWHTDTKG
KKEVKLVLQDDRNLVLYAKDGPAWSLEHHHHHH
;
_entity_poly.pdbx_strand_id   A,B,C,D
#
# COMPACT_ATOMS: atom_id res chain seq x y z
N GLY A 2 3.93 -19.02 -20.27
CA GLY A 2 4.12 -20.49 -20.08
C GLY A 2 4.35 -20.86 -18.63
N ASP A 3 5.53 -21.38 -18.34
CA ASP A 3 5.93 -21.69 -16.97
C ASP A 3 7.17 -20.90 -16.54
N THR A 4 7.60 -19.95 -17.39
CA THR A 4 8.86 -19.24 -17.20
C THR A 4 8.72 -17.75 -17.53
N LEU A 5 9.29 -16.91 -16.67
CA LEU A 5 9.45 -15.48 -16.93
C LEU A 5 10.92 -15.14 -16.98
N THR A 6 11.41 -14.79 -18.17
CA THR A 6 12.80 -14.34 -18.33
C THR A 6 12.94 -12.88 -17.96
N ALA A 7 14.18 -12.39 -17.93
CA ALA A 7 14.47 -11.00 -17.59
C ALA A 7 13.73 -10.02 -18.52
N GLY A 8 13.07 -9.04 -17.92
CA GLY A 8 12.30 -8.05 -18.66
C GLY A 8 10.84 -8.41 -18.87
N GLN A 9 10.48 -9.65 -18.55
CA GLN A 9 9.11 -10.12 -18.67
C GLN A 9 8.36 -9.93 -17.35
N LYS A 10 7.04 -9.90 -17.45
CA LYS A 10 6.18 -9.59 -16.30
C LYS A 10 4.84 -10.29 -16.42
N LEU A 11 4.17 -10.45 -15.27
CA LEU A 11 2.76 -10.81 -15.24
C LEU A 11 1.96 -9.54 -14.98
N GLU A 12 0.98 -9.29 -15.83
CA GLU A 12 0.01 -8.22 -15.58
C GLU A 12 -1.20 -8.82 -14.88
N ARG A 13 -2.14 -7.96 -14.49
CA ARG A 13 -3.38 -8.42 -13.87
C ARG A 13 -4.13 -9.35 -14.81
N GLY A 14 -4.37 -10.58 -14.36
CA GLY A 14 -5.02 -11.60 -15.19
C GLY A 14 -4.05 -12.61 -15.78
N GLY A 15 -2.78 -12.24 -15.86
CA GLY A 15 -1.74 -13.12 -16.40
C GLY A 15 -1.38 -14.23 -15.44
N SER A 16 -0.76 -15.27 -15.96
CA SER A 16 -0.39 -16.42 -15.13
C SER A 16 0.78 -17.24 -15.67
N LEU A 17 1.36 -18.02 -14.76
CA LEU A 17 2.25 -19.12 -15.10
C LEU A 17 1.56 -20.40 -14.66
N GLN A 18 1.86 -21.51 -15.32
CA GLN A 18 1.28 -22.79 -14.93
C GLN A 18 2.26 -23.95 -15.06
N SER A 19 2.04 -24.98 -14.25
CA SER A 19 2.84 -26.19 -14.28
C SER A 19 2.06 -27.34 -13.64
N GLY A 20 2.69 -28.50 -13.54
CA GLY A 20 2.06 -29.67 -12.95
C GLY A 20 0.79 -30.08 -13.68
N ASN A 21 0.85 -30.05 -15.00
CA ASN A 21 -0.29 -30.37 -15.86
C ASN A 21 -1.53 -29.53 -15.55
N GLY A 22 -1.30 -28.24 -15.33
CA GLY A 22 -2.38 -27.29 -15.03
C GLY A 22 -2.88 -27.28 -13.60
N ALA A 23 -2.34 -28.16 -12.75
CA ALA A 23 -2.71 -28.22 -11.33
C ALA A 23 -2.16 -27.03 -10.55
N TYR A 24 -1.01 -26.53 -10.97
CA TYR A 24 -0.35 -25.42 -10.30
C TYR A 24 -0.46 -24.15 -11.16
N THR A 25 -0.91 -23.06 -10.54
CA THR A 25 -1.13 -21.79 -11.23
C THR A 25 -0.67 -20.62 -10.37
N LEU A 26 0.34 -19.91 -10.87
CA LEU A 26 0.78 -18.65 -10.27
C LEU A 26 0.10 -17.53 -11.04
N THR A 27 -0.72 -16.72 -10.35
CA THR A 27 -1.52 -15.69 -11.03
C THR A 27 -1.59 -14.37 -10.25
N LEU A 28 -1.47 -13.26 -10.98
CA LEU A 28 -1.61 -11.92 -10.41
C LEU A 28 -3.07 -11.49 -10.47
N GLN A 29 -3.71 -11.40 -9.31
CA GLN A 29 -5.14 -11.17 -9.21
C GLN A 29 -5.51 -9.68 -9.21
N ASP A 30 -6.79 -9.40 -9.44
CA ASP A 30 -7.30 -8.03 -9.46
C ASP A 30 -7.43 -7.39 -8.08
N ASP A 31 -7.39 -8.22 -7.02
CA ASP A 31 -7.30 -7.71 -5.65
C ASP A 31 -5.88 -7.28 -5.28
N GLY A 32 -4.92 -7.52 -6.16
CA GLY A 32 -3.53 -7.10 -5.97
C GLY A 32 -2.56 -8.21 -5.57
N ASN A 33 -3.11 -9.35 -5.18
CA ASN A 33 -2.30 -10.45 -4.67
C ASN A 33 -1.75 -11.35 -5.79
N LEU A 34 -0.46 -11.66 -5.70
CA LEU A 34 0.14 -12.68 -6.55
C LEU A 34 0.06 -13.99 -5.80
N VAL A 35 -0.74 -14.92 -6.32
CA VAL A 35 -1.05 -16.15 -5.60
C VAL A 35 -0.63 -17.39 -6.38
N LEU A 36 -0.10 -18.37 -5.65
CA LEU A 36 0.17 -19.69 -6.20
C LEU A 36 -0.93 -20.65 -5.73
N TYR A 37 -1.78 -21.07 -6.66
CA TYR A 37 -2.81 -22.06 -6.39
C TYR A 37 -2.32 -23.45 -6.74
N ALA A 38 -2.31 -24.34 -5.74
CA ALA A 38 -2.01 -25.75 -5.96
C ALA A 38 -3.31 -26.52 -5.82
N ARG A 39 -3.91 -26.83 -6.96
CA ARG A 39 -5.19 -27.55 -7.00
C ARG A 39 -6.28 -26.67 -6.35
N ASP A 40 -7.00 -27.19 -5.36
CA ASP A 40 -8.06 -26.41 -4.70
C ASP A 40 -7.53 -25.21 -3.89
N LYS A 41 -6.42 -25.42 -3.19
CA LYS A 41 -5.93 -24.48 -2.18
C LYS A 41 -4.88 -23.50 -2.69
N ALA A 42 -4.88 -22.32 -2.11
CA ALA A 42 -3.78 -21.36 -2.27
C ALA A 42 -2.69 -21.73 -1.26
N VAL A 43 -1.51 -22.06 -1.77
CA VAL A 43 -0.40 -22.52 -0.92
C VAL A 43 0.53 -21.37 -0.49
N TRP A 44 0.53 -20.29 -1.26
CA TRP A 44 1.38 -19.14 -0.98
C TRP A 44 0.91 -17.89 -1.74
N SER A 45 1.20 -16.74 -1.17
CA SER A 45 0.99 -15.47 -1.86
C SER A 45 1.96 -14.40 -1.38
N THR A 46 1.97 -13.28 -2.08
CA THR A 46 2.81 -12.14 -1.72
C THR A 46 2.17 -11.26 -0.63
N GLY A 47 0.90 -11.53 -0.30
CA GLY A 47 0.18 -10.75 0.69
C GLY A 47 -0.09 -9.33 0.24
N THR A 48 -0.23 -9.14 -1.06
CA THR A 48 -0.46 -7.81 -1.63
C THR A 48 -1.93 -7.61 -2.01
N ASN A 49 -2.82 -8.40 -1.40
CA ASN A 49 -4.26 -8.17 -1.55
C ASN A 49 -4.66 -6.84 -0.92
N GLY A 50 -5.60 -6.14 -1.56
CA GLY A 50 -6.01 -4.80 -1.12
C GLY A 50 -5.07 -3.69 -1.58
N GLN A 51 -4.09 -4.04 -2.40
CA GLN A 51 -3.12 -3.08 -2.93
C GLN A 51 -3.20 -3.10 -4.46
N ASP A 52 -2.93 -1.96 -5.07
CA ASP A 52 -3.19 -1.77 -6.50
C ASP A 52 -2.01 -2.22 -7.36
N VAL A 53 -1.69 -3.52 -7.29
CA VAL A 53 -0.54 -4.10 -7.97
C VAL A 53 -0.81 -4.25 -9.46
N VAL A 54 0.00 -3.60 -10.29
CA VAL A 54 -0.19 -3.56 -11.74
C VAL A 54 0.65 -4.60 -12.48
N ARG A 55 1.80 -4.98 -11.91
CA ARG A 55 2.64 -6.00 -12.53
C ARG A 55 3.58 -6.70 -11.55
N ALA A 56 3.96 -7.92 -11.92
CA ALA A 56 5.00 -8.68 -11.23
C ALA A 56 6.14 -8.92 -12.22
N GLU A 57 7.13 -8.04 -12.20
CA GLU A 57 8.18 -8.02 -13.22
C GLU A 57 9.47 -8.69 -12.75
N VAL A 58 9.94 -9.66 -13.54
CA VAL A 58 11.30 -10.17 -13.41
C VAL A 58 12.20 -9.14 -14.08
N GLN A 59 12.83 -8.30 -13.27
CA GLN A 59 13.60 -7.18 -13.80
C GLN A 59 14.96 -7.63 -14.30
N THR A 60 15.50 -6.87 -15.24
CA THR A 60 16.81 -7.17 -15.81
C THR A 60 17.97 -6.93 -14.82
N ASP A 61 17.69 -6.25 -13.70
CA ASP A 61 18.67 -6.06 -12.63
C ASP A 61 18.75 -7.24 -11.64
N GLY A 62 17.94 -8.27 -11.87
CA GLY A 62 17.97 -9.49 -11.06
C GLY A 62 16.82 -9.64 -10.09
N ASN A 63 16.11 -8.53 -9.85
CA ASN A 63 15.06 -8.48 -8.84
C ASN A 63 13.67 -8.75 -9.43
N PHE A 64 12.97 -9.73 -8.86
CA PHE A 64 11.56 -9.96 -9.13
C PHE A 64 10.73 -9.08 -8.19
N VAL A 65 9.91 -8.20 -8.76
CA VAL A 65 9.26 -7.12 -8.01
C VAL A 65 7.80 -6.89 -8.40
N LEU A 66 6.95 -6.73 -7.38
CA LEU A 66 5.55 -6.31 -7.55
C LEU A 66 5.44 -4.81 -7.38
N TYR A 67 4.84 -4.13 -8.36
CA TYR A 67 4.68 -2.69 -8.32
C TYR A 67 3.21 -2.28 -8.28
N THR A 68 2.88 -1.32 -7.43
CA THR A 68 1.57 -0.68 -7.48
C THR A 68 1.59 0.37 -8.60
N ALA A 69 0.41 0.65 -9.15
CA ALA A 69 0.30 1.53 -10.31
C ALA A 69 0.64 2.97 -9.98
N GLU A 70 1.19 3.68 -10.96
CA GLU A 70 1.32 5.12 -10.90
C GLU A 70 -0.09 5.69 -10.82
N LYS A 71 -0.35 6.54 -9.82
CA LYS A 71 -1.68 7.07 -9.59
C LYS A 71 -1.67 8.59 -9.50
N PRO A 72 -2.76 9.25 -9.94
CA PRO A 72 -2.89 10.69 -9.74
C PRO A 72 -3.26 10.99 -8.29
N VAL A 73 -2.63 12.00 -7.71
CA VAL A 73 -2.94 12.41 -6.33
C VAL A 73 -3.39 13.86 -6.20
N TRP A 74 -3.36 14.61 -7.30
CA TRP A 74 -3.74 16.02 -7.31
C TRP A 74 -3.94 16.44 -8.76
N HIS A 75 -4.91 17.31 -9.00
CA HIS A 75 -5.20 17.78 -10.35
C HIS A 75 -6.02 19.07 -10.39
N THR A 76 -5.99 19.73 -11.54
CA THR A 76 -6.78 20.93 -11.79
C THR A 76 -8.23 20.58 -12.10
N ASP A 77 -8.48 19.31 -12.43
CA ASP A 77 -9.82 18.80 -12.72
C ASP A 77 -10.40 19.47 -13.97
N THR A 78 -9.58 19.51 -15.01
CA THR A 78 -9.91 20.22 -16.25
C THR A 78 -9.80 19.35 -17.50
N LYS A 79 -10.03 18.05 -17.34
CA LYS A 79 -10.06 17.13 -18.47
C LYS A 79 -11.17 17.54 -19.43
N GLY A 80 -10.86 17.55 -20.73
CA GLY A 80 -11.80 17.99 -21.76
C GLY A 80 -11.35 19.27 -22.45
N LYS A 81 -10.58 20.10 -21.72
CA LYS A 81 -10.09 21.37 -22.25
C LYS A 81 -9.03 21.15 -23.33
N LYS A 82 -8.95 22.09 -24.26
CA LYS A 82 -8.15 21.94 -25.47
C LYS A 82 -6.93 22.86 -25.49
N GLU A 83 -5.85 22.36 -26.09
CA GLU A 83 -4.63 23.14 -26.34
C GLU A 83 -4.16 23.88 -25.09
N VAL A 84 -4.07 23.14 -23.98
CA VAL A 84 -3.74 23.75 -22.69
C VAL A 84 -2.25 24.06 -22.53
N LYS A 85 -1.97 25.14 -21.80
CA LYS A 85 -0.62 25.45 -21.37
C LYS A 85 -0.67 25.99 -19.95
N LEU A 86 0.31 25.58 -19.14
CA LEU A 86 0.47 26.09 -17.79
C LEU A 86 1.48 27.22 -17.83
N VAL A 87 1.10 28.38 -17.30
CA VAL A 87 1.97 29.57 -17.31
C VAL A 87 2.15 30.14 -15.92
N LEU A 88 3.41 30.24 -15.48
CA LEU A 88 3.76 30.93 -14.24
C LEU A 88 4.03 32.39 -14.60
N GLN A 89 3.08 33.27 -14.26
CA GLN A 89 3.10 34.66 -14.71
C GLN A 89 3.84 35.59 -13.75
N ASP A 90 4.08 36.82 -14.23
CA ASP A 90 4.78 37.85 -13.46
C ASP A 90 3.89 38.53 -12.41
N ASP A 91 2.58 38.35 -12.50
CA ASP A 91 1.66 38.79 -11.44
C ASP A 91 1.51 37.72 -10.34
N ARG A 92 2.37 36.70 -10.37
CA ARG A 92 2.45 35.66 -9.33
C ARG A 92 1.41 34.55 -9.49
N ASN A 93 0.42 34.77 -10.35
CA ASN A 93 -0.65 33.81 -10.60
C ASN A 93 -0.14 32.67 -11.48
N LEU A 94 -0.51 31.44 -11.11
CA LEU A 94 -0.24 30.25 -11.92
C LEU A 94 -1.52 29.88 -12.65
N VAL A 95 -1.50 29.98 -13.98
CA VAL A 95 -2.71 29.88 -14.78
C VAL A 95 -2.63 28.77 -15.81
N LEU A 96 -3.67 27.94 -15.85
CA LEU A 96 -3.82 26.92 -16.88
C LEU A 96 -4.72 27.51 -17.97
N TYR A 97 -4.14 27.87 -19.11
CA TYR A 97 -4.91 28.42 -20.22
C TYR A 97 -5.41 27.32 -21.14
N ALA A 98 -6.51 27.59 -21.82
CA ALA A 98 -7.10 26.64 -22.76
C ALA A 98 -7.72 27.40 -23.93
N LYS A 99 -8.12 26.64 -24.96
CA LYS A 99 -8.69 27.21 -26.19
C LYS A 99 -9.69 28.34 -25.95
N ASP A 100 -10.61 28.11 -25.01
CA ASP A 100 -11.64 29.11 -24.67
C ASP A 100 -11.36 29.77 -23.31
N GLY A 101 -10.13 30.26 -23.14
CA GLY A 101 -9.76 31.03 -21.95
C GLY A 101 -9.17 30.20 -20.82
N PRO A 102 -8.99 30.83 -19.64
CA PRO A 102 -8.37 30.15 -18.50
C PRO A 102 -9.27 29.09 -17.85
N ALA A 103 -8.82 27.85 -17.86
CA ALA A 103 -9.59 26.73 -17.32
C ALA A 103 -9.44 26.60 -15.81
N TRP A 104 -8.24 26.91 -15.32
CA TRP A 104 -7.92 26.83 -13.89
C TRP A 104 -6.98 27.96 -13.52
N SER A 105 -7.19 28.53 -12.32
CA SER A 105 -6.39 29.64 -11.82
C SER A 105 -6.08 29.47 -10.34
N LEU A 106 -4.83 29.70 -9.98
CA LEU A 106 -4.37 29.58 -8.60
C LEU A 106 -5.05 30.62 -7.71
N GLU A 107 -5.08 31.86 -8.18
CA GLU A 107 -5.69 32.97 -7.45
C GLU A 107 -7.21 32.98 -7.61
N GLY B 2 12.38 28.55 -18.01
CA GLY B 2 11.11 28.87 -18.75
C GLY B 2 9.91 29.01 -17.83
N ASP B 3 8.87 29.67 -18.33
CA ASP B 3 7.67 29.95 -17.55
C ASP B 3 6.45 29.15 -18.00
N THR B 4 6.62 28.32 -19.04
CA THR B 4 5.50 27.66 -19.70
C THR B 4 5.70 26.17 -19.92
N LEU B 5 4.65 25.39 -19.65
CA LEU B 5 4.55 24.01 -20.07
C LEU B 5 3.33 23.89 -20.98
N THR B 6 3.53 23.36 -22.18
CA THR B 6 2.47 23.18 -23.16
C THR B 6 1.93 21.75 -23.12
N ALA B 7 0.86 21.49 -23.87
CA ALA B 7 0.17 20.21 -23.83
C ALA B 7 1.11 19.02 -23.98
N GLY B 8 1.08 18.11 -23.01
CA GLY B 8 1.93 16.92 -23.01
C GLY B 8 3.23 17.07 -22.24
N GLN B 9 3.58 18.29 -21.85
CA GLN B 9 4.83 18.53 -21.10
C GLN B 9 4.70 18.12 -19.64
N LYS B 10 5.83 18.13 -18.94
CA LYS B 10 5.87 17.81 -17.52
C LYS B 10 7.06 18.42 -16.81
N LEU B 11 6.88 18.68 -15.52
CA LEU B 11 8.00 18.85 -14.61
C LEU B 11 8.31 17.48 -14.04
N GLU B 12 9.58 17.10 -14.06
CA GLU B 12 10.04 15.89 -13.39
C GLU B 12 10.63 16.28 -12.04
N ARG B 13 11.06 15.31 -11.26
CA ARG B 13 11.61 15.58 -9.92
C ARG B 13 12.79 16.52 -9.98
N GLY B 14 12.69 17.65 -9.28
CA GLY B 14 13.71 18.69 -9.31
C GLY B 14 13.52 19.71 -10.43
N GLY B 15 12.52 19.48 -11.28
CA GLY B 15 12.22 20.36 -12.40
C GLY B 15 11.49 21.61 -11.92
N SER B 16 11.75 22.72 -12.58
CA SER B 16 11.19 24.01 -12.18
C SER B 16 10.65 24.81 -13.35
N LEU B 17 9.56 25.52 -13.11
CA LEU B 17 9.17 26.66 -13.92
C LEU B 17 9.58 27.92 -13.16
N GLN B 18 9.95 28.94 -13.90
CA GLN B 18 10.23 30.26 -13.30
C GLN B 18 9.58 31.36 -14.12
N SER B 19 9.03 32.35 -13.43
CA SER B 19 8.45 33.51 -14.07
C SER B 19 9.52 34.31 -14.81
N GLY B 20 9.12 35.00 -15.87
CA GLY B 20 10.04 35.81 -16.68
C GLY B 20 10.90 36.77 -15.88
N ASN B 21 10.28 37.41 -14.89
CA ASN B 21 10.99 38.38 -14.02
C ASN B 21 11.99 37.77 -13.02
N GLY B 22 12.05 36.44 -12.95
CA GLY B 22 12.96 35.74 -12.04
C GLY B 22 12.58 35.77 -10.57
N ALA B 23 11.37 36.24 -10.27
CA ALA B 23 10.91 36.43 -8.89
C ALA B 23 10.12 35.24 -8.34
N TYR B 24 9.46 34.49 -9.21
CA TYR B 24 8.62 33.37 -8.80
C TYR B 24 9.08 32.06 -9.42
N THR B 25 9.16 31.01 -8.60
CA THR B 25 9.69 29.71 -9.03
C THR B 25 8.78 28.58 -8.57
N LEU B 26 8.19 27.86 -9.55
CA LEU B 26 7.36 26.68 -9.27
C LEU B 26 8.20 25.42 -9.44
N THR B 27 8.41 24.69 -8.35
CA THR B 27 9.31 23.53 -8.34
C THR B 27 8.62 22.28 -7.83
N LEU B 28 8.67 21.22 -8.62
CA LEU B 28 8.33 19.88 -8.14
C LEU B 28 9.55 19.33 -7.41
N GLN B 29 9.44 19.27 -6.08
CA GLN B 29 10.57 18.90 -5.24
C GLN B 29 10.74 17.38 -5.16
N ASP B 30 11.84 16.96 -4.53
CA ASP B 30 12.13 15.54 -4.29
C ASP B 30 11.19 14.89 -3.28
N ASP B 31 10.62 15.68 -2.37
CA ASP B 31 9.69 15.15 -1.36
C ASP B 31 8.26 14.98 -1.90
N GLY B 32 8.05 15.32 -3.16
CA GLY B 32 6.76 15.12 -3.82
C GLY B 32 5.89 16.36 -3.88
N ASN B 33 6.27 17.39 -3.12
CA ASN B 33 5.48 18.61 -3.06
C ASN B 33 5.77 19.53 -4.24
N LEU B 34 4.71 19.99 -4.91
CA LEU B 34 4.82 21.01 -5.94
C LEU B 34 4.70 22.37 -5.25
N VAL B 35 5.83 23.08 -5.16
CA VAL B 35 5.90 24.30 -4.37
C VAL B 35 6.15 25.55 -5.23
N LEU B 36 5.35 26.58 -4.99
CA LEU B 36 5.55 27.89 -5.59
C LEU B 36 6.29 28.80 -4.61
N TYR B 37 7.51 29.20 -4.99
CA TYR B 37 8.32 30.11 -4.18
C TYR B 37 8.31 31.53 -4.76
N ALA B 38 8.15 32.51 -3.87
CA ALA B 38 8.33 33.92 -4.21
C ALA B 38 9.49 34.43 -3.38
N ARG B 39 10.65 34.54 -4.02
CA ARG B 39 11.91 34.71 -3.30
C ARG B 39 12.28 33.38 -2.68
N ASP B 40 12.44 33.35 -1.36
CA ASP B 40 12.69 32.11 -0.61
C ASP B 40 11.54 31.75 0.33
N LYS B 41 10.41 32.43 0.17
CA LYS B 41 9.21 32.16 0.96
C LYS B 41 8.21 31.36 0.14
N ALA B 42 7.77 30.23 0.70
CA ALA B 42 6.73 29.42 0.07
C ALA B 42 5.39 30.12 0.20
N VAL B 43 4.76 30.42 -0.92
CA VAL B 43 3.47 31.11 -0.94
C VAL B 43 2.30 30.19 -1.30
N TRP B 44 2.61 29.01 -1.81
CA TRP B 44 1.60 28.02 -2.16
C TRP B 44 2.26 26.67 -2.46
N SER B 45 1.53 25.60 -2.18
CA SER B 45 1.96 24.27 -2.58
C SER B 45 0.74 23.36 -2.69
N THR B 46 0.94 22.23 -3.36
CA THR B 46 -0.11 21.20 -3.48
C THR B 46 -0.26 20.36 -2.22
N GLY B 47 0.68 20.51 -1.28
CA GLY B 47 0.64 19.78 -0.02
C GLY B 47 0.80 18.29 -0.20
N THR B 48 1.54 17.88 -1.24
CA THR B 48 1.72 16.48 -1.58
C THR B 48 3.05 15.93 -1.06
N ASN B 49 3.65 16.64 -0.11
CA ASN B 49 4.88 16.16 0.56
C ASN B 49 4.68 14.81 1.25
N GLY B 50 5.51 13.84 0.87
CA GLY B 50 5.41 12.48 1.40
C GLY B 50 4.52 11.54 0.62
N GLN B 51 4.01 12.01 -0.53
CA GLN B 51 3.06 11.23 -1.33
C GLN B 51 3.68 10.64 -2.61
N ASP B 52 5.00 10.60 -2.66
CA ASP B 52 5.75 9.91 -3.74
C ASP B 52 5.50 10.45 -5.15
N VAL B 53 5.14 11.73 -5.26
CA VAL B 53 4.91 12.34 -6.56
C VAL B 53 6.25 12.46 -7.28
N VAL B 54 6.32 11.92 -8.51
CA VAL B 54 7.57 11.96 -9.29
C VAL B 54 7.48 12.77 -10.59
N ARG B 55 6.27 13.12 -11.01
CA ARG B 55 6.09 14.04 -12.12
C ARG B 55 4.79 14.82 -12.01
N ALA B 56 4.75 15.96 -12.69
CA ALA B 56 3.57 16.80 -12.75
C ALA B 56 3.37 17.20 -14.21
N GLU B 57 2.52 16.48 -14.91
CA GLU B 57 2.36 16.67 -16.35
C GLU B 57 1.08 17.38 -16.76
N VAL B 58 1.25 18.37 -17.64
CA VAL B 58 0.14 19.04 -18.30
C VAL B 58 -0.26 18.14 -19.45
N GLN B 59 -1.38 17.45 -19.31
CA GLN B 59 -1.78 16.40 -20.26
C GLN B 59 -2.46 16.95 -21.51
N THR B 60 -2.43 16.15 -22.57
CA THR B 60 -3.09 16.49 -23.84
C THR B 60 -4.62 16.50 -23.72
N ASP B 61 -5.15 15.82 -22.69
CA ASP B 61 -6.59 15.83 -22.41
C ASP B 61 -7.04 17.08 -21.64
N GLY B 62 -6.10 17.98 -21.34
CA GLY B 62 -6.42 19.27 -20.72
C GLY B 62 -6.25 19.32 -19.21
N ASN B 63 -5.89 18.20 -18.62
CA ASN B 63 -5.80 18.06 -17.16
C ASN B 63 -4.36 18.14 -16.70
N PHE B 64 -4.09 19.00 -15.72
CA PHE B 64 -2.77 19.08 -15.09
C PHE B 64 -2.80 18.21 -13.84
N VAL B 65 -1.87 17.26 -13.76
CA VAL B 65 -1.95 16.15 -12.81
C VAL B 65 -0.60 15.80 -12.20
N LEU B 66 -0.56 15.69 -10.87
CA LEU B 66 0.60 15.14 -10.17
C LEU B 66 0.44 13.63 -10.07
N TYR B 67 1.42 12.89 -10.58
CA TYR B 67 1.40 11.43 -10.51
C TYR B 67 2.45 10.90 -9.56
N THR B 68 2.15 9.78 -8.92
CA THR B 68 3.10 9.11 -8.04
C THR B 68 3.97 8.18 -8.86
N ALA B 69 5.04 7.70 -8.25
CA ALA B 69 5.86 6.66 -8.85
C ALA B 69 5.20 5.32 -8.63
N GLU B 70 5.59 4.34 -9.43
CA GLU B 70 5.20 2.96 -9.17
C GLU B 70 6.00 2.51 -7.96
N LYS B 71 5.29 2.13 -6.90
CA LYS B 71 5.91 1.77 -5.63
C LYS B 71 6.10 0.26 -5.56
N PRO B 72 7.33 -0.19 -5.21
CA PRO B 72 7.54 -1.61 -4.98
C PRO B 72 6.93 -2.04 -3.64
N VAL B 73 6.02 -3.01 -3.69
CA VAL B 73 5.33 -3.49 -2.48
C VAL B 73 5.70 -4.93 -2.09
N TRP B 74 6.31 -5.66 -3.02
CA TRP B 74 6.92 -6.96 -2.71
C TRP B 74 8.07 -7.22 -3.66
N HIS B 75 9.09 -7.91 -3.16
CA HIS B 75 10.23 -8.29 -3.96
C HIS B 75 11.00 -9.46 -3.35
N THR B 76 11.84 -10.07 -4.17
CA THR B 76 12.66 -11.20 -3.74
C THR B 76 13.98 -10.75 -3.13
N ASP B 77 14.33 -9.47 -3.33
CA ASP B 77 15.56 -8.87 -2.79
C ASP B 77 16.81 -9.48 -3.43
N THR B 78 16.79 -9.57 -4.76
CA THR B 78 17.89 -10.20 -5.51
C THR B 78 18.42 -9.29 -6.63
N LYS B 79 18.48 -7.99 -6.36
CA LYS B 79 19.17 -7.06 -7.25
C LYS B 79 20.66 -7.43 -7.24
N GLY B 80 21.26 -7.50 -8.43
CA GLY B 80 22.65 -7.89 -8.59
C GLY B 80 22.84 -9.23 -9.26
N LYS B 81 21.85 -10.09 -9.14
CA LYS B 81 21.89 -11.41 -9.78
C LYS B 81 21.71 -11.25 -11.29
N LYS B 82 22.39 -12.07 -12.06
CA LYS B 82 22.44 -11.93 -13.52
C LYS B 82 21.73 -13.07 -14.25
N GLU B 83 21.23 -12.77 -15.44
CA GLU B 83 20.50 -13.73 -16.29
C GLU B 83 19.39 -14.45 -15.52
N VAL B 84 18.58 -13.68 -14.80
CA VAL B 84 17.54 -14.26 -13.94
C VAL B 84 16.29 -14.64 -14.73
N LYS B 85 15.69 -15.75 -14.32
CA LYS B 85 14.39 -16.17 -14.82
C LYS B 85 13.58 -16.82 -13.70
N LEU B 86 12.29 -16.55 -13.67
CA LEU B 86 11.38 -17.13 -12.69
C LEU B 86 10.69 -18.35 -13.29
N VAL B 87 10.78 -19.48 -12.62
CA VAL B 87 10.23 -20.74 -13.13
C VAL B 87 9.27 -21.35 -12.13
N LEU B 88 8.03 -21.58 -12.57
CA LEU B 88 7.05 -22.36 -11.82
C LEU B 88 7.17 -23.81 -12.29
N GLN B 89 7.70 -24.66 -11.42
CA GLN B 89 8.10 -26.01 -11.79
C GLN B 89 7.00 -27.06 -11.58
N ASP B 90 7.17 -28.22 -12.21
CA ASP B 90 6.23 -29.34 -12.08
C ASP B 90 6.25 -29.99 -10.69
N ASP B 91 7.32 -29.75 -9.91
CA ASP B 91 7.36 -30.20 -8.51
C ASP B 91 6.69 -29.22 -7.53
N ARG B 92 6.08 -28.18 -8.08
CA ARG B 92 5.29 -27.16 -7.34
C ARG B 92 6.14 -25.99 -6.81
N ASN B 93 7.46 -26.09 -6.93
CA ASN B 93 8.35 -25.04 -6.45
C ASN B 93 8.34 -23.84 -7.40
N LEU B 94 8.38 -22.65 -6.82
CA LEU B 94 8.58 -21.41 -7.56
C LEU B 94 10.00 -20.95 -7.28
N VAL B 95 10.81 -20.88 -8.33
CA VAL B 95 12.25 -20.65 -8.20
C VAL B 95 12.71 -19.52 -9.12
N LEU B 96 13.44 -18.56 -8.57
CA LEU B 96 14.14 -17.57 -9.37
C LEU B 96 15.55 -18.07 -9.62
N TYR B 97 15.84 -18.41 -10.88
CA TYR B 97 17.13 -18.94 -11.27
C TYR B 97 18.02 -17.83 -11.80
N ALA B 98 19.25 -17.78 -11.31
CA ALA B 98 20.26 -16.83 -11.79
C ALA B 98 21.37 -17.58 -12.52
N LYS B 99 22.30 -16.82 -13.06
CA LYS B 99 23.49 -17.35 -13.73
C LYS B 99 24.24 -18.38 -12.86
N ASP B 100 24.53 -18.00 -11.61
CA ASP B 100 25.28 -18.86 -10.69
C ASP B 100 24.42 -19.85 -9.90
N GLY B 101 23.12 -19.90 -10.19
CA GLY B 101 22.22 -20.87 -9.56
C GLY B 101 20.94 -20.25 -9.03
N PRO B 102 20.17 -21.02 -8.24
CA PRO B 102 18.96 -20.50 -7.58
C PRO B 102 19.25 -19.29 -6.68
N ALA B 103 18.66 -18.15 -7.03
CA ALA B 103 18.80 -16.92 -6.24
C ALA B 103 17.68 -16.81 -5.20
N TRP B 104 16.58 -17.52 -5.45
CA TRP B 104 15.43 -17.50 -4.56
C TRP B 104 14.53 -18.67 -4.90
N SER B 105 13.87 -19.22 -3.88
CA SER B 105 12.92 -20.31 -4.09
C SER B 105 11.82 -20.28 -3.04
N LEU B 106 10.73 -20.98 -3.33
CA LEU B 106 9.59 -21.05 -2.42
C LEU B 106 9.81 -22.19 -1.41
N GLU B 107 9.99 -23.40 -1.92
CA GLU B 107 10.15 -24.60 -1.10
C GLU B 107 11.52 -24.65 -0.42
N HIS B 108 11.63 -23.97 0.72
CA HIS B 108 12.86 -23.98 1.52
C HIS B 108 12.53 -23.72 3.00
N GLY C 2 -19.40 16.60 13.25
CA GLY C 2 -19.53 18.01 12.77
C GLY C 2 -18.26 18.51 12.10
N ASP C 3 -17.48 19.30 12.82
CA ASP C 3 -16.22 19.84 12.29
C ASP C 3 -14.96 19.36 13.03
N THR C 4 -15.15 18.53 14.06
CA THR C 4 -14.05 18.16 14.97
C THR C 4 -13.97 16.66 15.25
N LEU C 5 -12.73 16.17 15.28
CA LEU C 5 -12.42 14.85 15.84
C LEU C 5 -11.55 15.05 17.08
N THR C 6 -12.05 14.66 18.25
CA THR C 6 -11.25 14.71 19.47
C THR C 6 -10.46 13.41 19.61
N ALA C 7 -9.53 13.38 20.56
CA ALA C 7 -8.61 12.24 20.71
C ALA C 7 -9.35 10.94 20.95
N GLY C 8 -8.95 9.89 20.22
CA GLY C 8 -9.63 8.59 20.27
C GLY C 8 -10.67 8.38 19.17
N GLN C 9 -11.19 9.47 18.61
CA GLN C 9 -12.20 9.41 17.55
C GLN C 9 -11.55 9.29 16.17
N LYS C 10 -12.33 8.83 15.19
CA LYS C 10 -11.84 8.67 13.82
C LYS C 10 -12.94 8.85 12.78
N LEU C 11 -12.52 9.10 11.54
CA LEU C 11 -13.40 9.00 10.39
C LEU C 11 -13.28 7.60 9.82
N GLU C 12 -14.39 6.87 9.75
CA GLU C 12 -14.43 5.58 9.07
C GLU C 12 -14.72 5.81 7.60
N ARG C 13 -14.62 4.75 6.81
CA ARG C 13 -14.85 4.84 5.37
C ARG C 13 -16.25 5.38 5.07
N GLY C 14 -16.31 6.39 4.20
CA GLY C 14 -17.55 7.12 3.95
C GLY C 14 -17.87 8.15 5.01
N GLY C 15 -16.94 8.37 5.94
CA GLY C 15 -17.11 9.37 7.00
C GLY C 15 -16.59 10.71 6.53
N SER C 16 -17.17 11.79 7.03
CA SER C 16 -16.69 13.13 6.71
C SER C 16 -16.89 14.14 7.83
N LEU C 17 -15.97 15.10 7.88
CA LEU C 17 -16.16 16.30 8.69
C LEU C 17 -16.75 17.38 7.80
N GLN C 18 -17.33 18.39 8.42
CA GLN C 18 -17.98 19.48 7.71
C GLN C 18 -17.67 20.79 8.42
N SER C 19 -17.20 21.79 7.68
CA SER C 19 -16.98 23.12 8.24
C SER C 19 -18.33 23.74 8.61
N GLY C 20 -18.32 24.60 9.62
CA GLY C 20 -19.54 25.24 10.13
C GLY C 20 -20.32 26.02 9.08
N ASN C 21 -19.62 26.68 8.16
CA ASN C 21 -20.27 27.48 7.11
C ASN C 21 -20.73 26.63 5.91
N GLY C 22 -20.32 25.36 5.89
CA GLY C 22 -20.77 24.41 4.87
C GLY C 22 -19.94 24.36 3.60
N ALA C 23 -18.96 25.25 3.50
CA ALA C 23 -18.17 25.37 2.27
C ALA C 23 -17.19 24.21 2.05
N TYR C 24 -16.71 23.60 3.15
CA TYR C 24 -15.63 22.62 3.07
C TYR C 24 -15.98 21.29 3.74
N THR C 25 -15.50 20.20 3.12
CA THR C 25 -15.68 18.85 3.62
C THR C 25 -14.35 18.11 3.66
N LEU C 26 -14.08 17.42 4.77
CA LEU C 26 -12.98 16.47 4.82
C LEU C 26 -13.59 15.08 4.87
N THR C 27 -13.42 14.32 3.79
CA THR C 27 -14.07 13.01 3.64
C THR C 27 -13.06 11.89 3.37
N LEU C 28 -13.18 10.79 4.13
CA LEU C 28 -12.43 9.57 3.86
C LEU C 28 -13.21 8.75 2.84
N GLN C 29 -12.72 8.75 1.60
CA GLN C 29 -13.47 8.19 0.48
C GLN C 29 -13.35 6.68 0.36
N ASP C 30 -14.21 6.12 -0.48
CA ASP C 30 -14.21 4.68 -0.77
C ASP C 30 -12.91 4.23 -1.46
N ASP C 31 -12.28 5.13 -2.22
CA ASP C 31 -11.01 4.81 -2.89
C ASP C 31 -9.79 4.81 -1.94
N GLY C 32 -10.00 5.27 -0.71
CA GLY C 32 -8.98 5.25 0.34
C GLY C 32 -8.37 6.61 0.60
N ASN C 33 -8.71 7.58 -0.23
CA ASN C 33 -8.14 8.92 -0.14
C ASN C 33 -8.91 9.77 0.86
N LEU C 34 -8.18 10.47 1.72
CA LEU C 34 -8.76 11.48 2.60
C LEU C 34 -8.63 12.81 1.88
N VAL C 35 -9.78 13.38 1.50
CA VAL C 35 -9.80 14.54 0.63
C VAL C 35 -10.49 15.74 1.28
N LEU C 36 -9.89 16.91 1.10
CA LEU C 36 -10.51 18.18 1.48
C LEU C 36 -11.14 18.79 0.25
N TYR C 37 -12.47 18.91 0.26
CA TYR C 37 -13.23 19.47 -0.87
C TYR C 37 -13.74 20.87 -0.57
N ALA C 38 -13.77 21.71 -1.61
CA ALA C 38 -14.33 23.06 -1.51
C ALA C 38 -15.30 23.28 -2.66
N ARG C 39 -16.56 22.90 -2.44
CA ARG C 39 -17.62 23.02 -3.46
C ARG C 39 -17.24 22.30 -4.75
N ASP C 40 -17.31 20.97 -4.72
CA ASP C 40 -17.05 20.09 -5.88
C ASP C 40 -15.57 19.89 -6.25
N LYS C 41 -14.72 20.85 -5.89
CA LYS C 41 -13.30 20.81 -6.26
C LYS C 41 -12.42 20.34 -5.10
N ALA C 42 -11.51 19.43 -5.40
CA ALA C 42 -10.52 18.98 -4.42
C ALA C 42 -9.39 20.00 -4.30
N VAL C 43 -9.06 20.37 -3.06
CA VAL C 43 -7.96 21.31 -2.81
C VAL C 43 -6.76 20.67 -2.09
N TRP C 44 -6.99 19.54 -1.44
CA TRP C 44 -5.91 18.77 -0.80
C TRP C 44 -6.34 17.33 -0.54
N SER C 45 -5.36 16.44 -0.47
CA SER C 45 -5.60 15.07 -0.03
C SER C 45 -4.32 14.45 0.56
N THR C 46 -4.49 13.28 1.17
CA THR C 46 -3.37 12.52 1.72
C THR C 46 -2.69 11.65 0.66
N GLY C 47 -3.32 11.55 -0.51
CA GLY C 47 -2.77 10.76 -1.62
C GLY C 47 -2.80 9.27 -1.34
N THR C 48 -3.80 8.83 -0.59
CA THR C 48 -3.94 7.43 -0.20
C THR C 48 -5.02 6.70 -1.02
N ASN C 49 -5.34 7.25 -2.20
CA ASN C 49 -6.23 6.56 -3.13
C ASN C 49 -5.59 5.27 -3.63
N GLY C 50 -6.42 4.26 -3.85
CA GLY C 50 -5.94 2.94 -4.26
C GLY C 50 -5.41 2.10 -3.10
N GLN C 51 -5.52 2.63 -1.88
CA GLN C 51 -5.07 1.93 -0.68
C GLN C 51 -6.26 1.71 0.24
N ASP C 52 -6.25 0.56 0.93
CA ASP C 52 -7.41 0.07 1.67
C ASP C 52 -7.54 0.74 3.04
N VAL C 53 -7.72 2.06 3.03
CA VAL C 53 -7.72 2.86 4.26
C VAL C 53 -9.03 2.66 5.02
N VAL C 54 -8.94 2.06 6.20
CA VAL C 54 -10.12 1.72 7.01
C VAL C 54 -10.55 2.88 7.91
N ARG C 55 -9.59 3.69 8.34
CA ARG C 55 -9.90 4.82 9.21
C ARG C 55 -8.83 5.90 9.22
N ALA C 56 -9.24 7.10 9.57
CA ALA C 56 -8.34 8.23 9.83
C ALA C 56 -8.54 8.63 11.28
N GLU C 57 -7.59 8.23 12.12
CA GLU C 57 -7.75 8.32 13.57
C GLU C 57 -6.88 9.40 14.21
N VAL C 58 -7.53 10.33 14.91
CA VAL C 58 -6.85 11.22 15.83
C VAL C 58 -6.68 10.43 17.12
N GLN C 59 -5.48 9.92 17.35
CA GLN C 59 -5.24 8.98 18.46
C GLN C 59 -4.69 9.69 19.70
N THR C 60 -4.72 8.98 20.83
CA THR C 60 -4.41 9.57 22.14
C THR C 60 -2.94 9.95 22.33
N ASP C 61 -2.04 9.36 21.54
CA ASP C 61 -0.61 9.72 21.61
C ASP C 61 -0.28 11.06 20.94
N GLY C 62 -1.28 11.68 20.31
CA GLY C 62 -1.13 12.99 19.68
C GLY C 62 -1.05 12.95 18.16
N ASN C 63 -0.99 11.74 17.61
CA ASN C 63 -0.80 11.56 16.18
C ASN C 63 -2.12 11.39 15.45
N PHE C 64 -2.26 12.08 14.32
CA PHE C 64 -3.36 11.85 13.38
C PHE C 64 -2.84 10.94 12.28
N VAL C 65 -3.41 9.73 12.19
CA VAL C 65 -2.87 8.68 11.34
C VAL C 65 -3.96 7.95 10.54
N LEU C 66 -3.66 7.68 9.27
CA LEU C 66 -4.52 6.85 8.42
C LEU C 66 -3.99 5.42 8.37
N TYR C 67 -4.87 4.45 8.60
CA TYR C 67 -4.52 3.04 8.65
C TYR C 67 -5.20 2.26 7.54
N THR C 68 -4.43 1.43 6.82
CA THR C 68 -5.02 0.41 5.96
C THR C 68 -5.50 -0.73 6.85
N ALA C 69 -6.51 -1.45 6.35
CA ALA C 69 -7.18 -2.48 7.14
C ALA C 69 -6.29 -3.69 7.41
N GLU C 70 -6.57 -4.37 8.52
CA GLU C 70 -6.06 -5.71 8.75
C GLU C 70 -6.70 -6.60 7.69
N LYS C 71 -5.94 -7.57 7.19
CA LYS C 71 -6.41 -8.45 6.13
C LYS C 71 -5.81 -9.84 6.30
N PRO C 72 -6.52 -10.87 5.81
CA PRO C 72 -5.94 -12.21 5.75
C PRO C 72 -5.05 -12.35 4.53
N VAL C 73 -3.90 -12.99 4.71
CA VAL C 73 -2.97 -13.26 3.60
C VAL C 73 -2.70 -14.74 3.35
N TRP C 74 -3.01 -15.59 4.34
CA TRP C 74 -2.79 -17.02 4.22
C TRP C 74 -3.80 -17.77 5.08
N HIS C 75 -4.27 -18.91 4.58
CA HIS C 75 -5.25 -19.73 5.31
C HIS C 75 -5.24 -21.18 4.84
N THR C 76 -5.82 -22.05 5.67
CA THR C 76 -5.95 -23.47 5.35
C THR C 76 -7.19 -23.77 4.51
N ASP C 77 -8.08 -22.78 4.37
CA ASP C 77 -9.29 -22.90 3.56
C ASP C 77 -10.20 -24.02 4.07
N THR C 78 -10.44 -24.02 5.37
CA THR C 78 -11.24 -25.05 6.04
C THR C 78 -12.42 -24.43 6.78
N LYS C 79 -12.97 -23.35 6.23
CA LYS C 79 -14.18 -22.73 6.76
C LYS C 79 -15.32 -23.74 6.64
N GLY C 80 -16.04 -23.94 7.74
CA GLY C 80 -17.13 -24.93 7.80
C GLY C 80 -16.83 -26.07 8.77
N LYS C 81 -15.55 -26.41 8.91
CA LYS C 81 -15.12 -27.47 9.81
C LYS C 81 -15.43 -27.14 11.25
N LYS C 82 -15.79 -28.15 12.01
CA LYS C 82 -16.25 -27.98 13.39
C LYS C 82 -15.20 -28.44 14.40
N GLU C 83 -15.15 -27.74 15.53
CA GLU C 83 -14.35 -28.15 16.68
C GLU C 83 -12.87 -28.35 16.33
N VAL C 84 -12.33 -27.41 15.54
CA VAL C 84 -10.99 -27.55 15.00
C VAL C 84 -9.90 -27.31 16.03
N LYS C 85 -8.78 -27.99 15.84
CA LYS C 85 -7.61 -27.81 16.69
C LYS C 85 -6.35 -28.06 15.86
N LEU C 86 -5.38 -27.15 15.99
CA LEU C 86 -4.12 -27.24 15.25
C LEU C 86 -3.08 -27.90 16.16
N VAL C 87 -2.55 -29.03 15.73
CA VAL C 87 -1.64 -29.83 16.57
C VAL C 87 -0.29 -30.02 15.90
N LEU C 88 0.77 -29.60 16.60
CA LEU C 88 2.15 -29.82 16.16
C LEU C 88 2.62 -31.12 16.78
N GLN C 89 2.85 -32.13 15.94
CA GLN C 89 3.04 -33.51 16.40
C GLN C 89 4.49 -33.97 16.44
N ASP C 90 4.72 -35.05 17.20
CA ASP C 90 6.05 -35.64 17.36
C ASP C 90 6.56 -36.32 16.07
N ASP C 91 5.69 -36.47 15.07
CA ASP C 91 6.10 -36.97 13.75
C ASP C 91 6.46 -35.84 12.76
N ARG C 92 6.56 -34.61 13.26
CA ARG C 92 6.89 -33.41 12.48
C ARG C 92 5.74 -32.92 11.58
N ASN C 93 4.57 -33.53 11.68
CA ASN C 93 3.42 -33.09 10.90
C ASN C 93 2.65 -32.04 11.68
N LEU C 94 2.16 -31.04 10.96
CA LEU C 94 1.29 -30.02 11.52
C LEU C 94 -0.11 -30.29 10.99
N VAL C 95 -1.04 -30.63 11.89
CA VAL C 95 -2.36 -31.10 11.50
C VAL C 95 -3.49 -30.26 12.11
N LEU C 96 -4.37 -29.79 11.25
CA LEU C 96 -5.62 -29.17 11.69
C LEU C 96 -6.70 -30.26 11.76
N TYR C 97 -6.93 -30.79 12.95
CA TYR C 97 -7.98 -31.79 13.16
C TYR C 97 -9.33 -31.11 13.23
N ALA C 98 -10.35 -31.79 12.73
CA ALA C 98 -11.75 -31.36 12.83
C ALA C 98 -12.59 -32.50 13.40
N LYS C 99 -13.88 -32.26 13.60
CA LYS C 99 -14.77 -33.27 14.19
C LYS C 99 -14.81 -34.58 13.39
N ASP C 100 -14.78 -34.48 12.07
CA ASP C 100 -14.83 -35.66 11.18
C ASP C 100 -13.45 -36.08 10.66
N GLY C 101 -12.41 -35.84 11.46
CA GLY C 101 -11.04 -36.21 11.10
C GLY C 101 -10.20 -35.03 10.62
N PRO C 102 -8.99 -35.31 10.13
CA PRO C 102 -8.07 -34.29 9.61
C PRO C 102 -8.66 -33.49 8.44
N ALA C 103 -8.55 -32.17 8.53
CA ALA C 103 -9.02 -31.24 7.49
C ALA C 103 -7.88 -30.66 6.66
N TRP C 104 -6.72 -30.52 7.29
CA TRP C 104 -5.53 -29.97 6.66
C TRP C 104 -4.31 -30.52 7.37
N SER C 105 -3.22 -30.70 6.62
CA SER C 105 -1.95 -31.09 7.22
C SER C 105 -0.76 -30.70 6.35
N LEU C 106 0.42 -30.81 6.93
CA LEU C 106 1.67 -30.54 6.23
C LEU C 106 2.02 -31.70 5.30
N GLU C 107 1.58 -32.90 5.68
CA GLU C 107 1.87 -34.15 4.95
C GLU C 107 3.36 -34.50 5.04
N GLY D 2 2.37 -24.99 24.65
CA GLY D 2 1.91 -26.38 24.37
C GLY D 2 2.13 -26.79 22.93
N ASP D 3 1.40 -27.81 22.50
CA ASP D 3 1.50 -28.34 21.14
C ASP D 3 0.23 -28.10 20.31
N THR D 4 -0.71 -27.34 20.87
CA THR D 4 -2.07 -27.30 20.35
C THR D 4 -2.74 -25.92 20.50
N LEU D 5 -3.33 -25.43 19.41
CA LEU D 5 -4.23 -24.29 19.43
C LEU D 5 -5.65 -24.76 19.12
N THR D 6 -6.53 -24.69 20.11
CA THR D 6 -7.93 -25.06 19.92
C THR D 6 -8.72 -23.91 19.29
N ALA D 7 -9.96 -24.19 18.91
CA ALA D 7 -10.81 -23.22 18.21
C ALA D 7 -10.99 -21.93 19.00
N GLY D 8 -10.59 -20.81 18.39
CA GLY D 8 -10.65 -19.49 19.02
C GLY D 8 -9.29 -18.93 19.38
N GLN D 9 -8.33 -19.82 19.65
CA GLN D 9 -6.99 -19.41 20.08
C GLN D 9 -6.16 -18.89 18.90
N LYS D 10 -5.05 -18.24 19.23
CA LYS D 10 -4.13 -17.72 18.22
C LYS D 10 -2.71 -17.57 18.74
N LEU D 11 -1.75 -17.53 17.81
CA LEU D 11 -0.39 -17.12 18.10
C LEU D 11 -0.23 -15.64 17.79
N GLU D 12 0.40 -14.90 18.70
CA GLU D 12 0.83 -13.54 18.44
C GLU D 12 2.26 -13.57 17.91
N ARG D 13 2.81 -12.41 17.58
CA ARG D 13 4.21 -12.33 17.15
C ARG D 13 5.14 -12.76 18.29
N GLY D 14 5.99 -13.74 18.01
CA GLY D 14 6.88 -14.33 19.02
C GLY D 14 6.23 -15.44 19.83
N GLY D 15 4.98 -15.76 19.52
CA GLY D 15 4.28 -16.89 20.15
C GLY D 15 4.69 -18.17 19.48
N SER D 16 4.67 -19.26 20.24
CA SER D 16 5.17 -20.54 19.74
C SER D 16 4.36 -21.73 20.23
N LEU D 17 4.29 -22.74 19.37
CA LEU D 17 3.86 -24.09 19.75
C LEU D 17 5.08 -24.98 19.63
N GLN D 18 5.15 -26.00 20.47
CA GLN D 18 6.24 -26.98 20.41
C GLN D 18 5.69 -28.38 20.54
N SER D 19 6.25 -29.30 19.76
CA SER D 19 5.86 -30.71 19.82
C SER D 19 6.16 -31.28 21.21
N GLY D 20 5.40 -32.29 21.60
CA GLY D 20 5.53 -32.93 22.90
C GLY D 20 6.95 -33.37 23.23
N ASN D 21 7.64 -33.91 22.23
CA ASN D 21 9.01 -34.44 22.41
C ASN D 21 10.11 -33.36 22.36
N GLY D 22 9.73 -32.09 22.20
CA GLY D 22 10.67 -30.97 22.21
C GLY D 22 11.48 -30.76 20.93
N ALA D 23 11.30 -31.61 19.93
CA ALA D 23 12.13 -31.59 18.71
C ALA D 23 11.72 -30.52 17.70
N TYR D 24 10.42 -30.22 17.64
CA TYR D 24 9.88 -29.32 16.63
C TYR D 24 9.17 -28.11 17.24
N THR D 25 9.39 -26.93 16.67
CA THR D 25 8.79 -25.68 17.15
C THR D 25 8.11 -24.93 16.01
N LEU D 26 6.89 -24.46 16.25
CA LEU D 26 6.16 -23.61 15.32
C LEU D 26 6.03 -22.21 15.91
N THR D 27 6.60 -21.21 15.22
CA THR D 27 6.63 -19.85 15.73
C THR D 27 6.12 -18.85 14.69
N LEU D 28 5.22 -17.98 15.11
CA LEU D 28 4.87 -16.80 14.32
C LEU D 28 5.90 -15.75 14.67
N GLN D 29 6.78 -15.46 13.72
CA GLN D 29 7.95 -14.62 13.97
C GLN D 29 7.62 -13.14 13.86
N ASP D 30 8.57 -12.31 14.30
CA ASP D 30 8.42 -10.86 14.25
C ASP D 30 8.49 -10.29 12.83
N ASP D 31 9.02 -11.07 11.89
CA ASP D 31 9.03 -10.66 10.48
C ASP D 31 7.76 -11.07 9.72
N GLY D 32 6.79 -11.64 10.44
CA GLY D 32 5.49 -11.99 9.85
C GLY D 32 5.39 -13.41 9.31
N ASN D 33 6.51 -14.14 9.33
CA ASN D 33 6.55 -15.50 8.80
C ASN D 33 6.19 -16.52 9.88
N LEU D 34 5.29 -17.44 9.55
CA LEU D 34 4.99 -18.59 10.40
C LEU D 34 5.93 -19.70 9.98
N VAL D 35 6.80 -20.12 10.89
CA VAL D 35 7.89 -21.04 10.54
C VAL D 35 7.91 -22.26 11.45
N LEU D 36 8.00 -23.43 10.83
CA LEU D 36 8.18 -24.69 11.52
C LEU D 36 9.67 -25.06 11.54
N TYR D 37 10.24 -25.12 12.73
CA TYR D 37 11.65 -25.47 12.91
C TYR D 37 11.84 -26.90 13.40
N ALA D 38 12.66 -27.66 12.68
CA ALA D 38 13.19 -28.92 13.18
C ALA D 38 14.48 -28.60 13.93
N ARG D 39 14.37 -28.53 15.25
CA ARG D 39 15.43 -27.98 16.12
C ARG D 39 15.78 -26.55 15.69
N ASP D 40 16.95 -26.35 15.07
CA ASP D 40 17.37 -25.02 14.64
C ASP D 40 17.12 -24.76 13.15
N LYS D 41 16.77 -25.80 12.41
CA LYS D 41 16.60 -25.72 10.96
C LYS D 41 15.14 -25.54 10.55
N ALA D 42 14.87 -24.54 9.71
CA ALA D 42 13.54 -24.34 9.14
C ALA D 42 13.26 -25.39 8.09
N VAL D 43 12.13 -26.09 8.24
CA VAL D 43 11.72 -27.14 7.30
C VAL D 43 10.40 -26.82 6.57
N TRP D 44 9.68 -25.83 7.05
CA TRP D 44 8.47 -25.35 6.40
C TRP D 44 8.12 -23.95 6.89
N SER D 45 7.48 -23.17 6.02
CA SER D 45 6.93 -21.88 6.41
C SER D 45 5.77 -21.47 5.51
N THR D 46 5.00 -20.51 6.00
CA THR D 46 3.92 -19.90 5.21
C THR D 46 4.49 -18.96 4.13
N GLY D 47 5.75 -18.56 4.30
CA GLY D 47 6.42 -17.68 3.34
C GLY D 47 5.87 -16.28 3.40
N THR D 48 5.45 -15.85 4.58
CA THR D 48 4.83 -14.55 4.78
C THR D 48 5.77 -13.54 5.47
N ASN D 49 7.07 -13.83 5.43
CA ASN D 49 8.09 -12.88 5.88
C ASN D 49 8.01 -11.55 5.11
N GLY D 50 7.84 -10.46 5.85
CA GLY D 50 7.69 -9.14 5.24
C GLY D 50 6.26 -8.79 4.82
N GLN D 51 5.31 -9.63 5.20
CA GLN D 51 3.90 -9.40 4.85
C GLN D 51 3.09 -8.81 6.02
N ASP D 52 3.79 -8.32 7.04
CA ASP D 52 3.19 -7.63 8.19
C ASP D 52 2.16 -8.45 8.96
N VAL D 53 2.31 -9.77 8.96
CA VAL D 53 1.40 -10.66 9.69
C VAL D 53 1.66 -10.48 11.18
N VAL D 54 0.58 -10.33 11.96
CA VAL D 54 0.71 -10.15 13.42
C VAL D 54 -0.01 -11.19 14.28
N ARG D 55 -0.89 -12.00 13.67
CA ARG D 55 -1.50 -13.11 14.40
C ARG D 55 -1.94 -14.24 13.47
N ALA D 56 -1.87 -15.46 13.99
CA ALA D 56 -2.34 -16.66 13.31
C ALA D 56 -3.50 -17.26 14.11
N GLU D 57 -4.72 -17.06 13.60
CA GLU D 57 -5.94 -17.42 14.32
C GLU D 57 -6.51 -18.75 13.86
N VAL D 58 -6.56 -19.72 14.77
CA VAL D 58 -7.39 -20.90 14.59
C VAL D 58 -8.81 -20.47 14.95
N GLN D 59 -9.63 -20.24 13.93
CA GLN D 59 -10.93 -19.60 14.13
C GLN D 59 -12.01 -20.60 14.49
N THR D 60 -13.07 -20.07 15.11
CA THR D 60 -14.25 -20.86 15.46
C THR D 60 -15.08 -21.30 14.25
N ASP D 61 -14.85 -20.68 13.09
CA ASP D 61 -15.51 -21.08 11.85
C ASP D 61 -14.79 -22.25 11.14
N GLY D 62 -13.72 -22.75 11.75
CA GLY D 62 -12.98 -23.90 11.24
C GLY D 62 -11.71 -23.57 10.47
N ASN D 63 -11.52 -22.29 10.17
CA ASN D 63 -10.40 -21.87 9.33
C ASN D 63 -9.22 -21.41 10.17
N PHE D 64 -8.03 -21.77 9.73
CA PHE D 64 -6.79 -21.30 10.33
C PHE D 64 -6.19 -20.22 9.43
N VAL D 65 -6.12 -19.00 9.95
CA VAL D 65 -5.89 -17.80 9.11
C VAL D 65 -4.79 -16.90 9.68
N LEU D 66 -3.99 -16.33 8.78
CA LEU D 66 -2.95 -15.36 9.13
C LEU D 66 -3.39 -13.95 8.80
N TYR D 67 -3.49 -13.09 9.82
CA TYR D 67 -3.94 -11.71 9.65
C TYR D 67 -2.80 -10.72 9.84
N THR D 68 -2.82 -9.68 9.03
CA THR D 68 -1.84 -8.60 9.12
C THR D 68 -2.30 -7.54 10.11
N ALA D 69 -1.36 -6.72 10.55
CA ALA D 69 -1.69 -5.55 11.36
C ALA D 69 -2.28 -4.47 10.46
N GLU D 70 -2.97 -3.53 11.08
CA GLU D 70 -3.36 -2.30 10.41
C GLU D 70 -2.08 -1.50 10.15
N LYS D 71 -1.95 -0.97 8.94
CA LYS D 71 -0.70 -0.33 8.52
C LYS D 71 -0.85 1.19 8.37
N PRO D 72 0.07 1.96 9.00
CA PRO D 72 0.04 3.42 8.85
C PRO D 72 0.60 3.87 7.49
N VAL D 73 -0.25 4.49 6.68
CA VAL D 73 0.14 4.92 5.33
C VAL D 73 0.25 6.45 5.15
N TRP D 74 -0.15 7.19 6.17
CA TRP D 74 -0.01 8.65 6.17
C TRP D 74 -0.19 9.17 7.60
N HIS D 75 0.61 10.14 7.98
CA HIS D 75 0.49 10.75 9.31
C HIS D 75 1.03 12.18 9.37
N THR D 76 0.64 12.88 10.42
CA THR D 76 1.06 14.26 10.67
C THR D 76 2.37 14.34 11.46
N ASP D 77 2.84 13.19 11.96
CA ASP D 77 4.14 13.10 12.65
C ASP D 77 4.14 13.97 13.92
N THR D 78 3.09 13.81 14.73
CA THR D 78 2.91 14.60 15.95
C THR D 78 2.68 13.73 17.19
N LYS D 79 3.35 12.58 17.23
CA LYS D 79 3.34 11.74 18.43
C LYS D 79 4.00 12.52 19.55
N GLY D 80 3.33 12.57 20.70
CA GLY D 80 3.84 13.30 21.87
C GLY D 80 3.06 14.55 22.25
N LYS D 81 2.20 15.02 21.35
CA LYS D 81 1.35 16.18 21.64
C LYS D 81 0.16 15.77 22.51
N LYS D 82 -0.22 16.65 23.42
CA LYS D 82 -1.20 16.32 24.47
C LYS D 82 -2.62 16.73 24.11
N GLU D 83 -3.58 15.89 24.49
CA GLU D 83 -5.01 16.05 24.18
C GLU D 83 -5.28 16.75 22.85
N VAL D 84 -5.02 16.02 21.76
CA VAL D 84 -5.14 16.59 20.42
C VAL D 84 -6.57 16.52 19.88
N LYS D 85 -6.82 17.31 18.84
CA LYS D 85 -8.08 17.32 18.12
C LYS D 85 -7.89 17.91 16.74
N LEU D 86 -8.59 17.35 15.76
CA LEU D 86 -8.50 17.82 14.38
C LEU D 86 -9.76 18.60 14.05
N VAL D 87 -9.58 19.81 13.54
CA VAL D 87 -10.69 20.72 13.26
C VAL D 87 -10.62 21.24 11.83
N LEU D 88 -11.73 21.11 11.10
CA LEU D 88 -11.89 21.71 9.78
C LEU D 88 -12.62 23.03 9.93
N GLN D 89 -11.93 24.13 9.66
CA GLN D 89 -12.43 25.48 9.95
C GLN D 89 -13.02 26.18 8.72
N ASP D 90 -13.77 27.26 8.97
CA ASP D 90 -14.40 28.06 7.90
C ASP D 90 -13.42 28.90 7.07
N ASP D 91 -12.21 29.10 7.58
CA ASP D 91 -11.14 29.76 6.79
C ASP D 91 -10.44 28.76 5.85
N ARG D 92 -10.94 27.52 5.83
CA ARG D 92 -10.45 26.40 5.01
C ARG D 92 -9.20 25.71 5.55
N ASN D 93 -8.71 26.16 6.70
CA ASN D 93 -7.56 25.52 7.30
C ASN D 93 -8.00 24.22 8.00
N LEU D 94 -7.13 23.21 7.93
CA LEU D 94 -7.31 21.97 8.67
C LEU D 94 -6.20 21.93 9.71
N VAL D 95 -6.58 22.02 10.99
CA VAL D 95 -5.60 22.19 12.08
C VAL D 95 -5.74 21.09 13.12
N LEU D 96 -4.60 20.54 13.52
CA LEU D 96 -4.51 19.62 14.65
C LEU D 96 -4.13 20.43 15.88
N TYR D 97 -5.12 20.73 16.72
CA TYR D 97 -4.91 21.52 17.92
C TYR D 97 -4.45 20.65 19.09
N ALA D 98 -3.44 21.13 19.81
CA ALA D 98 -2.93 20.47 21.02
C ALA D 98 -3.08 21.40 22.23
N LYS D 99 -2.78 20.86 23.41
CA LYS D 99 -2.89 21.60 24.68
C LYS D 99 -2.19 22.96 24.65
N ASP D 100 -1.01 23.00 24.04
CA ASP D 100 -0.18 24.21 23.99
C ASP D 100 -0.23 24.91 22.63
N GLY D 101 -1.32 24.74 21.89
CA GLY D 101 -1.51 25.40 20.60
C GLY D 101 -1.48 24.44 19.42
N PRO D 102 -1.68 24.96 18.19
CA PRO D 102 -1.68 24.12 16.98
C PRO D 102 -0.38 23.34 16.80
N ALA D 103 -0.51 22.02 16.67
CA ALA D 103 0.61 21.11 16.47
C ALA D 103 0.93 20.88 15.00
N TRP D 104 -0.11 20.91 14.18
CA TRP D 104 0.03 20.73 12.73
C TRP D 104 -1.09 21.48 12.02
N SER D 105 -0.76 22.13 10.92
CA SER D 105 -1.76 22.81 10.10
C SER D 105 -1.50 22.61 8.61
N LEU D 106 -2.59 22.51 7.85
CA LEU D 106 -2.51 22.35 6.41
C LEU D 106 -2.13 23.69 5.75
N GLU D 107 -2.60 24.78 6.35
CA GLU D 107 -2.36 26.14 5.87
C GLU D 107 -3.09 26.40 4.54
#